data_3AIU
#
_entry.id   3AIU
#
_cell.length_a   194.526
_cell.length_b   194.526
_cell.length_c   194.526
_cell.angle_alpha   90.00
_cell.angle_beta   90.00
_cell.angle_gamma   90.00
#
_symmetry.space_group_name_H-M   'P 41 3 2'
#
loop_
_entity.id
_entity.type
_entity.pdbx_description
1 polymer Beta-glucosidase
2 non-polymer 'SULFATE ION'
3 non-polymer GLYCEROL
4 water water
#
_entity_poly.entity_id   1
_entity_poly.type   'polypeptide(L)'
_entity_poly.pdbx_seq_one_letter_code
;MHHHHHHSSGLVPRGSGMKETAAAKFERQHMDSPDLGTDDDDKAMAGTPSKPSEPIGPVFTKLKPWQIPKRDWFSKDFLF
GASTSAYQIEGAWNEDGKGPSTWDHFCHTYPERISDGTNGDVAANSYHMYEEDVKALKDMGMKVYRFSISWSRILPNGTG
KPNQKGIDYYNNLINSLIRHGIVPYVTIWHWDTPQALEDKYGGFLDKQIVNDYKYFAELCFQSFGDRVKNWFTFNEPHTY
CCFSYGEGIHAPGRCSPGLDCAVPEGDSLREPYTAGHHILLAHAEAVELFKAHYNKHGDSKIGMAFDVMGYEPYQDSFLD
DQARERSIDYNMGWFLEPVVRGDYPFSMRSLIGDRLPMFTKEEQEKLASSCDIMGLNYYTSRFSKHVDISSDYTPTLNTD
DAYASSETTGSDGNEIGPITGTYWIYMYPKGLTDLLLIMKEKYGNPPIFITENGIADVEGDPEMPDPLDDWKRLDYLQRH
ISAVKDAIDQGADVRGHFTWGLIDNFEWGSGYSSRFGLVYIDKEDGNKRKLKKSAKWFAKFNSVPKTLLKTTNNNATVTA
SVSV
;
_entity_poly.pdbx_strand_id   A
#
loop_
_chem_comp.id
_chem_comp.type
_chem_comp.name
_chem_comp.formula
GOL non-polymer GLYCEROL 'C3 H8 O3'
SO4 non-polymer 'SULFATE ION' 'O4 S -2'
#
# COMPACT_ATOMS: atom_id res chain seq x y z
N VAL A 59 26.25 -8.46 8.90
CA VAL A 59 25.80 -8.99 10.29
C VAL A 59 24.26 -8.83 10.43
N PHE A 60 23.59 -9.98 10.73
CA PHE A 60 22.16 -9.86 10.94
C PHE A 60 21.71 -10.62 12.17
N THR A 61 21.57 -9.93 13.27
CA THR A 61 21.20 -10.56 14.49
C THR A 61 19.71 -10.90 14.54
N LYS A 62 19.39 -12.12 14.97
CA LYS A 62 18.00 -12.56 15.11
C LYS A 62 17.48 -12.49 16.52
N LEU A 63 16.16 -12.58 16.63
CA LEU A 63 15.50 -12.72 17.97
C LEU A 63 16.05 -13.91 18.76
N LYS A 64 16.09 -13.83 20.09
CA LYS A 64 16.50 -14.95 20.87
C LYS A 64 15.25 -15.90 20.91
N PRO A 65 15.45 -17.19 21.18
CA PRO A 65 14.34 -18.16 21.13
C PRO A 65 13.13 -17.84 22.07
N TRP A 66 13.37 -17.22 23.18
CA TRP A 66 12.28 -16.88 24.10
C TRP A 66 11.56 -15.61 23.69
N GLN A 67 11.95 -15.03 22.56
CA GLN A 67 11.35 -13.76 22.11
C GLN A 67 10.52 -13.91 20.88
N ILE A 68 10.32 -15.12 20.44
CA ILE A 68 9.54 -15.40 19.27
C ILE A 68 8.03 -15.39 19.46
N PRO A 69 7.28 -14.63 18.66
CA PRO A 69 5.88 -14.46 18.86
C PRO A 69 5.15 -15.80 18.88
N LYS A 70 4.03 -15.84 19.61
CA LYS A 70 3.16 -16.98 19.65
C LYS A 70 1.80 -16.43 19.30
N ARG A 71 0.99 -17.20 18.61
CA ARG A 71 -0.35 -16.74 18.30
C ARG A 71 -1.14 -16.27 19.57
N ASP A 72 -0.84 -16.90 20.70
CA ASP A 72 -1.41 -16.61 22.05
C ASP A 72 -1.20 -15.16 22.48
N TRP A 73 -0.23 -14.50 21.90
CA TRP A 73 0.08 -13.15 22.26
C TRP A 73 -1.09 -12.24 21.87
N PHE A 74 -1.93 -12.66 20.94
CA PHE A 74 -2.96 -11.79 20.43
C PHE A 74 -4.33 -12.43 20.68
N SER A 75 -5.37 -11.58 20.69
CA SER A 75 -6.73 -12.05 21.04
C SER A 75 -7.20 -13.04 20.00
N LYS A 76 -8.27 -13.71 20.32
CA LYS A 76 -8.89 -14.61 19.40
C LYS A 76 -9.39 -13.91 18.12
N ASP A 77 -9.81 -12.67 18.27
CA ASP A 77 -10.40 -11.92 17.17
C ASP A 77 -9.31 -11.26 16.28
N PHE A 78 -8.06 -11.20 16.75
CA PHE A 78 -6.97 -10.58 16.00
C PHE A 78 -6.79 -11.40 14.70
N LEU A 79 -6.52 -10.74 13.59
CA LEU A 79 -6.47 -11.33 12.32
C LEU A 79 -5.10 -11.31 11.66
N PHE A 80 -4.61 -12.49 11.35
CA PHE A 80 -3.35 -12.67 10.61
C PHE A 80 -3.69 -12.97 9.14
N GLY A 81 -3.08 -12.25 8.24
CA GLY A 81 -3.34 -12.48 6.82
C GLY A 81 -2.06 -12.13 5.94
N ALA A 82 -2.27 -12.09 4.62
CA ALA A 82 -1.25 -11.72 3.66
C ALA A 82 -1.92 -10.92 2.56
N SER A 83 -1.12 -10.17 1.84
CA SER A 83 -1.66 -9.27 0.84
C SER A 83 -1.06 -9.41 -0.58
N THR A 84 -1.85 -8.97 -1.57
CA THR A 84 -1.41 -8.83 -2.95
C THR A 84 -2.20 -7.67 -3.57
N SER A 85 -1.95 -7.38 -4.84
CA SER A 85 -2.74 -6.39 -5.59
C SER A 85 -2.88 -6.99 -7.03
N ALA A 86 -3.90 -6.56 -7.77
CA ALA A 86 -4.29 -7.11 -9.02
C ALA A 86 -3.16 -7.14 -10.04
N TYR A 87 -2.60 -5.97 -10.29
CA TYR A 87 -1.57 -5.86 -11.29
C TYR A 87 -0.36 -6.68 -10.95
N GLN A 88 -0.09 -6.78 -9.65
CA GLN A 88 1.17 -7.41 -9.32
C GLN A 88 1.17 -8.95 -9.44
N ILE A 89 0.00 -9.59 -9.42
CA ILE A 89 -0.07 -11.04 -9.51
C ILE A 89 -0.93 -11.65 -10.64
N GLU A 90 -1.94 -10.96 -11.11
CA GLU A 90 -2.97 -11.59 -11.96
C GLU A 90 -2.49 -12.08 -13.36
N GLY A 91 -1.70 -11.29 -14.04
CA GLY A 91 -1.41 -11.51 -15.42
C GLY A 91 -2.67 -11.40 -16.25
N ALA A 92 -2.76 -12.19 -17.35
CA ALA A 92 -3.97 -12.12 -18.20
C ALA A 92 -4.40 -10.69 -18.50
N TRP A 93 -3.44 -9.83 -18.82
CA TRP A 93 -3.66 -8.41 -18.88
C TRP A 93 -4.62 -8.01 -19.97
N ASN A 94 -4.78 -8.90 -20.99
CA ASN A 94 -5.72 -8.62 -22.11
C ASN A 94 -6.69 -9.75 -22.40
N GLU A 95 -6.96 -10.58 -21.41
CA GLU A 95 -7.80 -11.75 -21.58
C GLU A 95 -9.26 -11.45 -21.16
N ASP A 96 -10.17 -12.24 -21.70
CA ASP A 96 -11.58 -12.16 -21.44
C ASP A 96 -12.18 -10.77 -21.47
N GLY A 97 -11.69 -9.91 -22.35
CA GLY A 97 -12.22 -8.58 -22.47
C GLY A 97 -11.58 -7.48 -21.59
N LYS A 98 -10.65 -7.82 -20.71
CA LYS A 98 -10.08 -6.81 -19.85
C LYS A 98 -9.51 -5.70 -20.67
N GLY A 99 -9.79 -4.45 -20.27
CA GLY A 99 -9.13 -3.35 -20.96
C GLY A 99 -7.78 -3.07 -20.35
N PRO A 100 -6.93 -2.28 -21.02
CA PRO A 100 -5.65 -1.98 -20.46
C PRO A 100 -5.66 -0.94 -19.29
N SER A 101 -4.65 -1.02 -18.37
CA SER A 101 -4.56 -0.09 -17.31
C SER A 101 -3.40 0.79 -17.55
N THR A 102 -3.21 1.83 -16.70
CA THR A 102 -2.05 2.69 -16.86
C THR A 102 -0.80 1.93 -16.67
N TRP A 103 -0.86 0.84 -15.91
CA TRP A 103 0.44 0.12 -15.71
C TRP A 103 0.72 -0.85 -16.97
N ASP A 104 -0.34 -1.37 -17.55
CA ASP A 104 -0.14 -2.13 -18.85
C ASP A 104 0.52 -1.16 -19.85
N HIS A 105 -0.09 0.00 -19.98
CA HIS A 105 0.44 1.02 -20.90
C HIS A 105 1.82 1.47 -20.56
N PHE A 106 2.06 1.71 -19.25
CA PHE A 106 3.38 2.19 -18.86
C PHE A 106 4.48 1.12 -19.22
N CYS A 107 4.23 -0.12 -18.88
CA CYS A 107 5.28 -1.15 -19.21
C CYS A 107 5.42 -1.36 -20.75
N HIS A 108 4.30 -1.34 -21.44
CA HIS A 108 4.26 -1.50 -22.88
C HIS A 108 4.85 -0.36 -23.69
N THR A 109 4.96 0.85 -23.12
CA THR A 109 5.48 1.95 -23.88
C THR A 109 6.80 2.40 -23.30
N TYR A 110 7.05 2.15 -22.01
CA TYR A 110 8.34 2.53 -21.42
C TYR A 110 8.97 1.36 -20.67
N PRO A 111 9.18 0.19 -21.38
CA PRO A 111 9.71 -1.02 -20.71
C PRO A 111 10.98 -0.74 -20.00
N GLU A 112 11.77 0.17 -20.49
CA GLU A 112 13.05 0.44 -19.90
C GLU A 112 12.94 1.06 -18.45
N ARG A 113 11.74 1.43 -18.05
CA ARG A 113 11.56 2.01 -16.69
C ARG A 113 11.42 0.88 -15.61
N ILE A 114 11.49 -0.39 -16.05
CA ILE A 114 11.43 -1.51 -15.15
C ILE A 114 12.87 -2.06 -15.08
N SER A 115 13.52 -1.98 -13.94
CA SER A 115 14.89 -2.43 -13.69
C SER A 115 15.29 -3.71 -14.39
N ASP A 116 14.46 -4.76 -14.34
CA ASP A 116 14.91 -6.06 -14.84
C ASP A 116 14.22 -6.34 -16.23
N GLY A 117 13.62 -5.33 -16.86
CA GLY A 117 13.08 -5.56 -18.14
C GLY A 117 11.83 -6.41 -18.15
N THR A 118 11.04 -6.48 -17.05
CA THR A 118 9.83 -7.34 -17.08
C THR A 118 8.60 -6.54 -17.02
N ASN A 119 7.44 -7.18 -16.94
CA ASN A 119 6.19 -6.47 -16.82
C ASN A 119 5.17 -7.34 -16.16
N GLY A 120 3.91 -6.85 -16.03
CA GLY A 120 2.83 -7.62 -15.42
C GLY A 120 1.96 -8.39 -16.34
N ASP A 121 2.40 -8.60 -17.61
CA ASP A 121 1.46 -9.29 -18.58
C ASP A 121 1.04 -10.66 -18.06
N VAL A 122 1.92 -11.34 -17.33
CA VAL A 122 1.56 -12.65 -16.79
C VAL A 122 1.75 -12.72 -15.28
N ALA A 123 2.82 -12.14 -14.75
CA ALA A 123 3.07 -12.17 -13.35
C ALA A 123 2.93 -13.59 -12.75
N ALA A 124 2.16 -13.73 -11.69
CA ALA A 124 1.99 -15.04 -11.05
C ALA A 124 0.83 -15.77 -11.70
N ASN A 125 0.24 -15.16 -12.72
CA ASN A 125 -0.85 -15.78 -13.48
C ASN A 125 -1.99 -16.16 -12.52
N SER A 126 -2.23 -15.32 -11.51
CA SER A 126 -3.31 -15.59 -10.52
C SER A 126 -4.67 -15.46 -11.11
N TYR A 127 -4.77 -14.84 -12.29
CA TYR A 127 -6.08 -14.90 -13.00
C TYR A 127 -6.52 -16.35 -13.27
N HIS A 128 -5.54 -17.19 -13.54
CA HIS A 128 -5.83 -18.66 -13.70
C HIS A 128 -5.51 -19.52 -12.47
N MET A 129 -4.47 -19.15 -11.69
CA MET A 129 -4.05 -20.02 -10.61
C MET A 129 -4.47 -19.56 -9.21
N TYR A 130 -5.51 -18.76 -9.11
CA TYR A 130 -5.95 -18.25 -7.80
C TYR A 130 -6.21 -19.30 -6.78
N GLU A 131 -6.65 -20.47 -7.25
CA GLU A 131 -6.94 -21.56 -6.28
C GLU A 131 -5.69 -21.95 -5.55
N GLU A 132 -4.58 -21.81 -6.22
CA GLU A 132 -3.26 -22.08 -5.61
C GLU A 132 -2.94 -20.98 -4.55
N ASP A 133 -3.41 -19.77 -4.81
CA ASP A 133 -3.13 -18.66 -3.83
C ASP A 133 -3.95 -18.98 -2.56
N VAL A 134 -5.19 -19.40 -2.79
CA VAL A 134 -6.09 -19.80 -1.66
C VAL A 134 -5.50 -20.91 -0.87
N LYS A 135 -4.94 -21.90 -1.57
CA LYS A 135 -4.35 -23.02 -0.87
C LYS A 135 -3.16 -22.63 -0.04
N ALA A 136 -2.33 -21.76 -0.60
CA ALA A 136 -1.12 -21.31 0.14
C ALA A 136 -1.60 -20.57 1.43
N LEU A 137 -2.68 -19.81 1.35
CA LEU A 137 -3.19 -19.06 2.56
C LEU A 137 -3.65 -20.12 3.60
N LYS A 138 -4.34 -21.16 3.10
CA LYS A 138 -4.86 -22.17 3.97
C LYS A 138 -3.73 -22.95 4.57
N ASP A 139 -2.70 -23.21 3.76
CA ASP A 139 -1.60 -23.97 4.27
C ASP A 139 -0.83 -23.23 5.38
N MET A 140 -0.90 -21.88 5.37
CA MET A 140 -0.18 -21.10 6.39
C MET A 140 -1.16 -20.84 7.55
N GLY A 141 -2.46 -21.13 7.35
CA GLY A 141 -3.41 -20.91 8.42
C GLY A 141 -3.81 -19.42 8.55
N MET A 142 -3.60 -18.63 7.49
CA MET A 142 -4.00 -17.26 7.47
C MET A 142 -5.54 -17.15 7.52
N LYS A 143 -6.03 -16.13 8.23
CA LYS A 143 -7.48 -15.94 8.34
C LYS A 143 -7.99 -14.89 7.40
N VAL A 144 -7.05 -14.07 6.91
CA VAL A 144 -7.43 -13.00 6.03
C VAL A 144 -6.61 -12.96 4.76
N TYR A 145 -7.27 -12.58 3.68
CA TYR A 145 -6.60 -12.33 2.45
C TYR A 145 -6.94 -10.94 1.97
N ARG A 146 -5.91 -10.06 1.85
CA ARG A 146 -6.14 -8.77 1.35
C ARG A 146 -5.67 -8.75 -0.14
N PHE A 147 -6.61 -8.51 -1.05
CA PHE A 147 -6.32 -8.45 -2.46
C PHE A 147 -7.08 -7.30 -3.06
N SER A 148 -6.75 -6.92 -4.29
CA SER A 148 -7.36 -5.78 -4.93
C SER A 148 -8.13 -6.19 -6.19
N ILE A 149 -9.08 -5.35 -6.58
CA ILE A 149 -9.90 -5.57 -7.74
C ILE A 149 -9.37 -4.73 -8.86
N SER A 150 -9.23 -5.34 -10.05
CA SER A 150 -8.71 -4.59 -11.23
C SER A 150 -9.80 -3.84 -11.93
N TRP A 151 -9.74 -2.52 -11.82
CA TRP A 151 -10.75 -1.66 -12.36
C TRP A 151 -10.95 -2.02 -13.91
N SER A 152 -9.84 -2.06 -14.65
CA SER A 152 -9.88 -2.29 -16.06
C SER A 152 -10.30 -3.70 -16.48
N ARG A 153 -10.24 -4.67 -15.60
CA ARG A 153 -10.78 -5.98 -15.85
C ARG A 153 -12.29 -6.03 -15.73
N ILE A 154 -12.85 -5.19 -14.85
CA ILE A 154 -14.27 -5.23 -14.57
C ILE A 154 -15.00 -4.16 -15.35
N LEU A 155 -14.30 -3.14 -15.80
CA LEU A 155 -14.89 -2.05 -16.62
C LEU A 155 -13.80 -1.67 -17.53
N PRO A 156 -13.67 -2.40 -18.66
CA PRO A 156 -12.58 -2.26 -19.64
C PRO A 156 -12.37 -0.83 -20.11
N ASN A 157 -13.46 -0.08 -20.29
CA ASN A 157 -13.33 1.37 -20.56
C ASN A 157 -13.39 2.37 -19.33
N GLY A 158 -13.26 1.84 -18.11
CA GLY A 158 -13.32 2.70 -16.90
C GLY A 158 -14.77 2.98 -16.51
N THR A 159 -15.56 3.31 -17.50
CA THR A 159 -16.96 3.55 -17.31
C THR A 159 -17.83 2.63 -18.22
N GLY A 160 -19.15 2.63 -17.99
CA GLY A 160 -20.05 1.93 -18.88
C GLY A 160 -20.33 0.48 -18.56
N LYS A 161 -20.35 -0.33 -19.63
CA LYS A 161 -20.73 -1.73 -19.53
C LYS A 161 -19.72 -2.60 -18.73
N PRO A 162 -20.20 -3.29 -17.72
CA PRO A 162 -19.35 -4.17 -16.96
C PRO A 162 -18.98 -5.46 -17.72
N ASN A 163 -17.76 -5.97 -17.51
CA ASN A 163 -17.29 -7.20 -18.11
C ASN A 163 -17.58 -8.39 -17.19
N GLN A 164 -18.66 -9.13 -17.52
CA GLN A 164 -19.09 -10.31 -16.74
C GLN A 164 -17.98 -11.28 -16.39
N LYS A 165 -17.12 -11.59 -17.35
CA LYS A 165 -16.06 -12.56 -17.04
C LYS A 165 -15.10 -11.99 -15.95
N GLY A 166 -14.90 -10.68 -15.97
CA GLY A 166 -14.12 -9.99 -14.93
C GLY A 166 -14.73 -10.16 -13.55
N ILE A 167 -16.04 -9.87 -13.48
CA ILE A 167 -16.81 -10.06 -12.29
C ILE A 167 -16.86 -11.46 -11.80
N ASP A 168 -17.05 -12.41 -12.75
CA ASP A 168 -17.02 -13.86 -12.38
C ASP A 168 -15.71 -14.28 -11.73
N TYR A 169 -14.59 -13.77 -12.25
CA TYR A 169 -13.28 -14.11 -11.69
C TYR A 169 -13.19 -13.79 -10.20
N TYR A 170 -13.49 -12.52 -9.83
CA TYR A 170 -13.53 -12.15 -8.38
C TYR A 170 -14.52 -12.92 -7.53
N ASN A 171 -15.64 -13.27 -8.12
CA ASN A 171 -16.61 -14.04 -7.39
C ASN A 171 -16.06 -15.40 -7.09
N ASN A 172 -15.35 -15.98 -8.07
CA ASN A 172 -14.78 -17.32 -7.84
C ASN A 172 -13.71 -17.29 -6.75
N LEU A 173 -12.90 -16.26 -6.75
CA LEU A 173 -11.83 -16.11 -5.74
C LEU A 173 -12.51 -15.92 -4.39
N ILE A 174 -13.48 -15.00 -4.35
CA ILE A 174 -14.19 -14.70 -3.11
C ILE A 174 -14.86 -15.95 -2.53
N ASN A 175 -15.66 -16.61 -3.37
CA ASN A 175 -16.36 -17.86 -2.90
C ASN A 175 -15.39 -18.93 -2.45
N SER A 176 -14.25 -19.00 -3.10
CA SER A 176 -13.25 -20.03 -2.72
C SER A 176 -12.63 -19.68 -1.32
N LEU A 177 -12.23 -18.41 -1.16
CA LEU A 177 -11.76 -17.98 0.16
C LEU A 177 -12.76 -18.35 1.24
N ILE A 178 -14.00 -17.96 1.03
CA ILE A 178 -15.07 -18.17 2.05
C ILE A 178 -15.29 -19.67 2.26
N ARG A 179 -15.28 -20.42 1.16
CA ARG A 179 -15.39 -21.89 1.24
C ARG A 179 -14.25 -22.39 2.17
N HIS A 180 -13.03 -21.80 2.09
CA HIS A 180 -11.95 -22.26 2.98
C HIS A 180 -11.79 -21.51 4.27
N GLY A 181 -12.80 -20.74 4.64
CA GLY A 181 -12.76 -20.09 5.94
C GLY A 181 -11.80 -18.93 5.98
N ILE A 182 -11.61 -18.25 4.83
CA ILE A 182 -10.73 -17.12 4.75
C ILE A 182 -11.53 -15.86 4.49
N VAL A 183 -11.25 -14.79 5.25
CA VAL A 183 -12.02 -13.55 5.10
C VAL A 183 -11.39 -12.63 4.08
N PRO A 184 -12.15 -12.21 3.08
CA PRO A 184 -11.63 -11.23 2.12
C PRO A 184 -11.64 -9.76 2.53
N TYR A 185 -10.49 -9.11 2.45
CA TYR A 185 -10.37 -7.69 2.68
C TYR A 185 -9.99 -7.12 1.35
N VAL A 186 -10.88 -6.36 0.73
CA VAL A 186 -10.67 -5.91 -0.64
C VAL A 186 -10.24 -4.46 -0.81
N THR A 187 -9.12 -4.25 -1.49
CA THR A 187 -8.73 -2.93 -1.90
C THR A 187 -9.41 -2.64 -3.26
N ILE A 188 -10.14 -1.56 -3.39
CA ILE A 188 -10.82 -1.25 -4.58
C ILE A 188 -9.83 -0.75 -5.67
N TRP A 189 -8.99 0.19 -5.31
CA TRP A 189 -8.07 0.71 -6.31
C TRP A 189 -6.63 0.58 -5.78
N HIS A 190 -5.75 0.02 -6.61
CA HIS A 190 -4.38 -0.16 -6.21
C HIS A 190 -3.50 0.29 -7.39
N TRP A 191 -3.55 1.61 -7.73
CA TRP A 191 -2.66 2.26 -8.69
C TRP A 191 -3.09 1.85 -10.10
N ASP A 192 -4.03 0.94 -10.12
CA ASP A 192 -4.49 0.13 -11.20
C ASP A 192 -5.47 0.89 -12.26
N THR A 193 -5.20 2.16 -12.62
CA THR A 193 -6.26 3.01 -13.28
C THR A 193 -6.48 2.60 -14.83
N PRO A 194 -7.72 2.53 -15.29
CA PRO A 194 -8.03 2.20 -16.72
C PRO A 194 -7.39 3.22 -17.65
N GLN A 195 -6.49 2.75 -18.53
CA GLN A 195 -5.83 3.64 -19.49
C GLN A 195 -6.86 4.37 -20.39
N ALA A 196 -8.07 3.83 -20.52
CA ALA A 196 -9.14 4.56 -21.24
C ALA A 196 -9.48 5.93 -20.55
N LEU A 197 -9.40 5.99 -19.21
CA LEU A 197 -9.69 7.26 -18.46
C LEU A 197 -8.51 8.15 -18.47
N GLU A 198 -7.29 7.58 -18.47
CA GLU A 198 -6.07 8.33 -18.65
C GLU A 198 -6.03 9.05 -20.00
N ASP A 199 -6.49 8.35 -21.03
CA ASP A 199 -6.53 8.95 -22.41
C ASP A 199 -7.63 9.99 -22.49
N LYS A 200 -8.79 9.67 -21.96
CA LYS A 200 -9.94 10.56 -22.12
C LYS A 200 -9.73 11.89 -21.36
N TYR A 201 -9.20 11.90 -20.11
CA TYR A 201 -9.09 13.21 -19.41
C TYR A 201 -7.88 13.36 -18.48
N GLY A 202 -6.93 12.46 -18.58
CA GLY A 202 -5.69 12.52 -17.81
C GLY A 202 -5.90 11.85 -16.45
N GLY A 203 -6.84 10.92 -16.38
CA GLY A 203 -6.98 10.11 -15.21
C GLY A 203 -7.22 10.94 -13.91
N PHE A 204 -6.43 10.69 -12.88
CA PHE A 204 -6.64 11.32 -11.57
C PHE A 204 -6.30 12.77 -11.57
N LEU A 205 -5.71 13.27 -12.64
CA LEU A 205 -5.50 14.71 -12.74
C LEU A 205 -6.77 15.51 -13.08
N ASP A 206 -7.92 14.84 -13.30
CA ASP A 206 -9.16 15.51 -13.68
C ASP A 206 -10.24 15.12 -12.74
N LYS A 207 -11.12 16.10 -12.41
CA LYS A 207 -12.19 15.91 -11.42
C LYS A 207 -13.14 14.87 -11.87
N GLN A 208 -13.18 14.63 -13.15
CA GLN A 208 -14.05 13.58 -13.64
C GLN A 208 -13.77 12.19 -13.06
N ILE A 209 -12.52 11.99 -12.62
CA ILE A 209 -12.16 10.68 -12.02
C ILE A 209 -12.98 10.42 -10.83
N VAL A 210 -13.50 11.51 -10.18
CA VAL A 210 -14.21 11.34 -8.93
C VAL A 210 -15.46 10.57 -9.14
N ASN A 211 -16.27 11.02 -10.09
CA ASN A 211 -17.51 10.31 -10.35
C ASN A 211 -17.26 8.92 -10.95
N ASP A 212 -16.24 8.84 -11.81
CA ASP A 212 -15.99 7.51 -12.47
C ASP A 212 -15.58 6.47 -11.42
N TYR A 213 -14.77 6.89 -10.44
CA TYR A 213 -14.39 5.99 -9.33
C TYR A 213 -15.59 5.56 -8.55
N LYS A 214 -16.47 6.50 -8.32
CA LYS A 214 -17.67 6.23 -7.54
C LYS A 214 -18.48 5.14 -8.17
N TYR A 215 -18.68 5.27 -9.46
CA TYR A 215 -19.38 4.21 -10.27
C TYR A 215 -18.65 2.87 -10.16
N PHE A 216 -17.31 2.87 -10.32
CA PHE A 216 -16.53 1.60 -10.18
C PHE A 216 -16.75 1.02 -8.79
N ALA A 217 -16.66 1.89 -7.75
CA ALA A 217 -16.84 1.37 -6.39
C ALA A 217 -18.21 0.83 -6.20
N GLU A 218 -19.21 1.51 -6.73
CA GLU A 218 -20.62 1.02 -6.62
C GLU A 218 -20.76 -0.35 -7.24
N LEU A 219 -20.15 -0.51 -8.38
CA LEU A 219 -20.20 -1.86 -9.07
C LEU A 219 -19.59 -2.91 -8.16
N CYS A 220 -18.46 -2.58 -7.52
CA CYS A 220 -17.85 -3.55 -6.56
C CYS A 220 -18.79 -3.85 -5.44
N PHE A 221 -19.45 -2.81 -4.87
CA PHE A 221 -20.32 -3.07 -3.76
C PHE A 221 -21.46 -3.95 -4.17
N GLN A 222 -22.02 -3.66 -5.33
CA GLN A 222 -23.24 -4.47 -5.82
C GLN A 222 -22.83 -5.89 -6.17
N SER A 223 -21.69 -6.05 -6.84
CA SER A 223 -21.24 -7.40 -7.21
C SER A 223 -20.77 -8.26 -6.02
N PHE A 224 -20.10 -7.65 -5.03
CA PHE A 224 -19.43 -8.45 -3.98
C PHE A 224 -19.79 -8.18 -2.55
N GLY A 225 -20.59 -7.12 -2.35
CA GLY A 225 -20.92 -6.64 -0.99
C GLY A 225 -21.69 -7.58 -0.16
N ASP A 226 -22.33 -8.55 -0.78
CA ASP A 226 -23.06 -9.54 0.01
C ASP A 226 -22.10 -10.48 0.75
N ARG A 227 -20.85 -10.59 0.25
CA ARG A 227 -19.92 -11.50 0.89
C ARG A 227 -18.67 -10.75 1.42
N VAL A 228 -18.19 -9.74 0.70
CA VAL A 228 -17.09 -8.93 1.12
C VAL A 228 -17.67 -7.86 2.07
N LYS A 229 -17.14 -7.81 3.31
CA LYS A 229 -17.66 -6.89 4.33
C LYS A 229 -16.62 -5.88 4.80
N ASN A 230 -15.42 -5.90 4.17
CA ASN A 230 -14.27 -5.06 4.61
C ASN A 230 -13.55 -4.54 3.39
N TRP A 231 -13.50 -3.22 3.24
CA TRP A 231 -12.98 -2.61 2.06
C TRP A 231 -11.96 -1.53 2.36
N PHE A 232 -11.08 -1.29 1.41
CA PHE A 232 -10.18 -0.16 1.38
C PHE A 232 -10.41 0.49 0.03
N THR A 233 -10.71 1.78 0.03
CA THR A 233 -10.97 2.52 -1.19
C THR A 233 -9.69 2.64 -1.99
N PHE A 234 -8.59 3.04 -1.37
CA PHE A 234 -7.37 3.38 -2.07
C PHE A 234 -6.17 2.80 -1.30
N ASN A 235 -5.12 2.40 -2.06
CA ASN A 235 -3.91 1.93 -1.48
C ASN A 235 -2.81 2.94 -1.67
N GLU A 236 -2.07 3.26 -0.59
CA GLU A 236 -0.92 4.13 -0.59
C GLU A 236 -1.02 5.43 -1.46
N PRO A 237 -1.97 6.31 -1.15
CA PRO A 237 -2.07 7.55 -1.94
C PRO A 237 -0.83 8.39 -1.93
N HIS A 238 -0.11 8.49 -0.79
CA HIS A 238 1.12 9.21 -0.75
C HIS A 238 2.22 8.62 -1.70
N THR A 239 2.47 7.32 -1.60
CA THR A 239 3.47 6.69 -2.52
C THR A 239 3.04 6.97 -4.00
N TYR A 240 1.79 6.75 -4.27
CA TYR A 240 1.24 6.92 -5.64
C TYR A 240 1.46 8.35 -6.17
N CYS A 241 1.04 9.37 -5.40
CA CYS A 241 1.26 10.73 -5.82
C CYS A 241 2.67 11.07 -5.96
N CYS A 242 3.52 10.66 -4.99
CA CYS A 242 4.93 10.98 -5.11
C CYS A 242 5.65 10.34 -6.35
N PHE A 243 5.40 9.04 -6.53
CA PHE A 243 6.13 8.30 -7.61
C PHE A 243 5.48 8.42 -9.00
N SER A 244 4.17 8.60 -9.07
CA SER A 244 3.49 8.64 -10.34
C SER A 244 3.53 10.03 -10.94
N TYR A 245 3.54 11.08 -10.05
CA TYR A 245 3.42 12.45 -10.52
C TYR A 245 4.49 13.32 -10.06
N GLY A 246 5.32 12.84 -9.16
CA GLY A 246 6.41 13.66 -8.70
C GLY A 246 7.76 13.22 -9.26
N GLU A 247 8.25 12.05 -8.89
CA GLU A 247 9.51 11.51 -9.53
C GLU A 247 9.14 10.91 -10.86
N GLY A 248 7.89 10.46 -11.01
CA GLY A 248 7.40 9.97 -12.28
C GLY A 248 7.89 8.52 -12.58
N ILE A 249 8.42 7.81 -11.54
CA ILE A 249 8.94 6.45 -11.78
C ILE A 249 7.83 5.43 -11.83
N HIS A 250 6.62 5.81 -11.46
CA HIS A 250 5.45 4.90 -11.61
C HIS A 250 4.39 5.45 -12.55
N ALA A 251 3.57 4.55 -13.12
CA ALA A 251 2.60 4.90 -14.10
C ALA A 251 1.68 5.99 -13.49
N PRO A 252 1.28 7.00 -14.30
CA PRO A 252 1.61 7.23 -15.76
C PRO A 252 2.95 7.79 -16.03
N GLY A 253 3.78 8.03 -15.02
CA GLY A 253 5.15 8.34 -15.26
C GLY A 253 5.41 9.81 -15.53
N ARG A 254 4.73 10.74 -14.83
CA ARG A 254 4.89 12.15 -15.07
C ARG A 254 5.78 12.90 -14.09
N CYS A 255 6.46 13.91 -14.57
CA CYS A 255 7.36 14.71 -13.76
C CYS A 255 7.58 16.05 -14.46
N SER A 256 8.26 16.99 -13.79
CA SER A 256 8.47 18.29 -14.30
C SER A 256 9.51 18.20 -15.51
N PRO A 257 9.35 19.06 -16.53
CA PRO A 257 10.36 19.13 -17.62
C PRO A 257 11.75 19.33 -17.05
N GLY A 258 12.73 18.62 -17.58
CA GLY A 258 14.07 18.74 -17.05
C GLY A 258 14.37 17.62 -16.07
N LEU A 259 13.34 16.91 -15.53
CA LEU A 259 13.63 15.79 -14.66
C LEU A 259 13.59 14.47 -15.56
N ASP A 260 14.24 13.43 -15.08
CA ASP A 260 14.26 12.21 -15.83
C ASP A 260 13.14 11.18 -15.46
N CYS A 261 12.05 11.16 -16.20
CA CYS A 261 11.04 10.19 -16.03
C CYS A 261 10.53 9.90 -17.46
N ALA A 262 9.67 8.89 -17.64
CA ALA A 262 9.13 8.59 -18.96
C ALA A 262 8.50 9.82 -19.64
N VAL A 263 7.68 10.60 -18.92
CA VAL A 263 6.99 11.69 -19.54
C VAL A 263 7.19 13.05 -18.78
N PRO A 264 8.31 13.73 -19.08
CA PRO A 264 8.67 14.93 -18.35
C PRO A 264 7.95 16.12 -18.86
N GLU A 265 6.63 16.08 -18.82
CA GLU A 265 5.86 17.22 -19.21
C GLU A 265 4.77 17.59 -18.21
N GLY A 266 5.06 17.24 -16.93
CA GLY A 266 3.99 17.43 -15.90
C GLY A 266 4.48 18.58 -15.04
N ASP A 267 4.28 18.43 -13.73
CA ASP A 267 4.76 19.47 -12.75
C ASP A 267 4.84 18.75 -11.37
N SER A 268 6.06 18.42 -10.98
CA SER A 268 6.32 17.66 -9.77
C SER A 268 5.89 18.47 -8.48
N LEU A 269 5.60 19.76 -8.65
CA LEU A 269 5.14 20.61 -7.52
C LEU A 269 3.65 20.80 -7.49
N ARG A 270 2.94 20.28 -8.48
CA ARG A 270 1.49 20.45 -8.52
C ARG A 270 0.69 19.25 -8.79
N GLU A 271 1.11 18.46 -9.80
CA GLU A 271 0.34 17.26 -10.11
C GLU A 271 0.15 16.27 -9.01
N PRO A 272 1.20 16.08 -8.16
CA PRO A 272 0.97 15.09 -7.03
C PRO A 272 -0.18 15.58 -6.15
N TYR A 273 -0.23 16.91 -5.87
CA TYR A 273 -1.33 17.45 -5.02
C TYR A 273 -2.68 17.40 -5.70
N THR A 274 -2.70 17.61 -7.02
CA THR A 274 -4.01 17.54 -7.73
C THR A 274 -4.54 16.16 -7.67
N ALA A 275 -3.68 15.16 -7.92
CA ALA A 275 -4.12 13.77 -7.95
C ALA A 275 -4.54 13.36 -6.53
N GLY A 276 -3.76 13.79 -5.52
CA GLY A 276 -4.16 13.43 -4.11
C GLY A 276 -5.55 14.01 -3.79
N HIS A 277 -5.81 15.23 -4.24
CA HIS A 277 -7.09 15.87 -3.90
C HIS A 277 -8.18 15.07 -4.50
N HIS A 278 -8.00 14.67 -5.76
CA HIS A 278 -9.14 13.89 -6.40
C HIS A 278 -9.32 12.52 -5.73
N ILE A 279 -8.19 11.92 -5.29
CA ILE A 279 -8.32 10.66 -4.56
C ILE A 279 -9.15 10.80 -3.32
N LEU A 280 -8.89 11.87 -2.56
CA LEU A 280 -9.69 12.10 -1.30
C LEU A 280 -11.13 12.40 -1.64
N LEU A 281 -11.37 13.25 -2.65
CA LEU A 281 -12.82 13.48 -3.08
C LEU A 281 -13.48 12.23 -3.53
N ALA A 282 -12.72 11.41 -4.28
CA ALA A 282 -13.28 10.12 -4.75
C ALA A 282 -13.65 9.22 -3.59
N HIS A 283 -12.74 9.16 -2.63
CA HIS A 283 -12.93 8.35 -1.44
C HIS A 283 -14.15 8.78 -0.69
N ALA A 284 -14.31 10.09 -0.51
CA ALA A 284 -15.46 10.64 0.26
C ALA A 284 -16.77 10.27 -0.42
N GLU A 285 -16.80 10.39 -1.78
CA GLU A 285 -18.08 10.05 -2.47
C GLU A 285 -18.39 8.60 -2.31
N ALA A 286 -17.36 7.76 -2.41
CA ALA A 286 -17.61 6.32 -2.38
C ALA A 286 -18.10 5.90 -0.99
N VAL A 287 -17.46 6.44 0.07
CA VAL A 287 -17.86 6.08 1.41
C VAL A 287 -19.31 6.59 1.70
N GLU A 288 -19.58 7.81 1.27
CA GLU A 288 -20.98 8.32 1.49
C GLU A 288 -21.98 7.38 0.80
N LEU A 289 -21.68 6.98 -0.45
CA LEU A 289 -22.50 6.03 -1.21
C LEU A 289 -22.62 4.72 -0.52
N PHE A 290 -21.49 4.19 -0.03
CA PHE A 290 -21.46 2.95 0.71
C PHE A 290 -22.36 2.97 1.93
N LYS A 291 -22.11 3.93 2.84
CA LYS A 291 -22.88 4.05 4.10
C LYS A 291 -24.36 4.27 3.81
N ALA A 292 -24.65 5.01 2.77
CA ALA A 292 -26.04 5.30 2.45
C ALA A 292 -26.80 4.15 1.86
N HIS A 293 -26.15 3.36 0.97
CA HIS A 293 -27.04 2.37 0.26
C HIS A 293 -26.40 0.98 0.28
N TYR A 294 -25.22 0.72 0.97
CA TYR A 294 -24.61 -0.60 0.85
C TYR A 294 -24.19 -1.20 2.12
N ASN A 295 -24.84 -0.81 3.21
CA ASN A 295 -24.48 -1.27 4.53
C ASN A 295 -25.74 -1.39 5.38
N LYS A 296 -26.80 -1.86 4.70
CA LYS A 296 -28.20 -1.92 5.33
C LYS A 296 -28.08 -2.83 6.61
N HIS A 297 -27.25 -3.91 6.56
CA HIS A 297 -27.09 -4.71 7.81
C HIS A 297 -26.17 -4.02 8.84
N GLY A 298 -25.44 -2.99 8.43
CA GLY A 298 -24.46 -2.34 9.33
C GLY A 298 -23.31 -3.24 9.80
N ASP A 299 -23.01 -4.32 9.09
CA ASP A 299 -21.91 -5.17 9.52
C ASP A 299 -20.64 -4.96 8.60
N SER A 300 -20.66 -3.96 7.66
CA SER A 300 -19.55 -3.77 6.74
C SER A 300 -18.71 -2.57 7.18
N LYS A 301 -17.41 -2.59 6.89
CA LYS A 301 -16.52 -1.52 7.27
C LYS A 301 -15.72 -1.08 6.03
N ILE A 302 -15.40 0.21 5.99
CA ILE A 302 -14.65 0.73 4.90
C ILE A 302 -13.62 1.73 5.37
N GLY A 303 -12.46 1.75 4.74
CA GLY A 303 -11.45 2.80 5.04
C GLY A 303 -10.44 2.90 3.90
N MET A 304 -9.21 3.31 4.23
CA MET A 304 -8.16 3.31 3.28
C MET A 304 -6.85 2.87 3.84
N ALA A 305 -5.89 2.55 2.98
CA ALA A 305 -4.60 2.05 3.48
C ALA A 305 -3.55 3.03 3.15
N PHE A 306 -2.74 3.42 4.15
CA PHE A 306 -1.71 4.42 3.95
C PHE A 306 -0.35 3.84 4.01
N ASP A 307 0.56 4.35 3.20
CA ASP A 307 1.91 3.96 3.31
C ASP A 307 2.49 4.87 4.36
N VAL A 308 3.29 4.31 5.29
CA VAL A 308 3.88 5.12 6.29
C VAL A 308 5.29 4.69 6.63
N MET A 309 6.13 5.66 6.92
CA MET A 309 7.50 5.38 7.40
C MET A 309 7.61 5.94 8.79
N GLY A 310 8.42 5.28 9.65
CA GLY A 310 8.63 5.84 11.00
C GLY A 310 9.66 6.91 10.80
N TYR A 311 9.74 7.84 11.72
CA TYR A 311 10.81 8.86 11.71
C TYR A 311 11.36 9.11 13.07
N GLU A 312 12.64 9.38 13.11
CA GLU A 312 13.36 9.72 14.33
C GLU A 312 14.08 11.02 13.99
N PRO A 313 14.26 11.92 14.98
CA PRO A 313 14.99 13.14 14.64
C PRO A 313 16.43 12.78 14.25
N TYR A 314 16.98 13.48 13.24
CA TYR A 314 18.33 13.18 12.77
C TYR A 314 19.33 13.37 13.89
N GLN A 315 19.17 14.43 14.68
CA GLN A 315 20.05 14.67 15.76
C GLN A 315 19.27 15.31 16.99
N ASP A 316 19.94 15.49 18.10
CA ASP A 316 19.31 15.96 19.32
C ASP A 316 19.17 17.53 19.22
N SER A 317 18.04 17.94 18.68
CA SER A 317 17.81 19.37 18.43
C SER A 317 16.35 19.56 18.26
N PHE A 318 15.82 20.70 18.79
CA PHE A 318 14.32 20.91 18.65
C PHE A 318 14.01 21.07 17.17
N LEU A 319 15.03 21.52 16.38
CA LEU A 319 14.78 21.72 14.95
C LEU A 319 14.43 20.39 14.26
N ASP A 320 15.15 19.35 14.63
CA ASP A 320 14.86 18.03 14.03
C ASP A 320 13.63 17.39 14.62
N ASP A 321 13.27 17.82 15.84
CA ASP A 321 11.97 17.36 16.41
C ASP A 321 10.85 17.93 15.50
N GLN A 322 11.05 19.20 15.10
CA GLN A 322 10.02 19.88 14.32
C GLN A 322 10.06 19.24 12.90
N ALA A 323 11.24 18.97 12.42
CA ALA A 323 11.37 18.30 11.07
C ALA A 323 10.66 16.92 11.10
N ARG A 324 10.86 16.15 12.17
CA ARG A 324 10.16 14.86 12.26
C ARG A 324 8.65 15.04 12.17
N GLU A 325 8.09 16.04 12.87
CA GLU A 325 6.64 16.23 12.79
C GLU A 325 6.20 16.58 11.35
N ARG A 326 7.02 17.36 10.64
CA ARG A 326 6.63 17.73 9.24
C ARG A 326 6.74 16.46 8.37
N SER A 327 7.72 15.60 8.66
CA SER A 327 7.86 14.28 7.83
C SER A 327 6.67 13.42 8.04
N ILE A 328 6.22 13.28 9.26
CA ILE A 328 5.03 12.43 9.53
C ILE A 328 3.77 13.07 8.95
N ASP A 329 3.63 14.38 9.13
CA ASP A 329 2.48 15.10 8.46
C ASP A 329 2.47 14.79 6.95
N TYR A 330 3.63 14.92 6.34
CA TYR A 330 3.65 14.81 4.87
C TYR A 330 3.53 13.33 4.44
N ASN A 331 4.24 12.38 5.11
CA ASN A 331 4.15 10.98 4.74
C ASN A 331 2.78 10.38 5.10
N MET A 332 2.35 10.64 6.33
CA MET A 332 1.10 10.04 6.81
C MET A 332 -0.09 11.03 6.84
N GLY A 333 0.12 12.23 7.39
CA GLY A 333 -1.01 13.14 7.58
C GLY A 333 -1.64 13.65 6.29
N TRP A 334 -0.84 13.79 5.24
CA TRP A 334 -1.34 14.21 3.92
C TRP A 334 -2.71 13.61 3.61
N PHE A 335 -2.85 12.29 3.80
CA PHE A 335 -4.11 11.67 3.53
C PHE A 335 -4.84 11.19 4.78
N LEU A 336 -4.14 10.96 5.88
CA LEU A 336 -4.85 10.53 7.07
C LEU A 336 -5.63 11.75 7.73
N GLU A 337 -5.01 12.94 7.81
CA GLU A 337 -5.65 13.99 8.56
C GLU A 337 -6.95 14.42 7.84
N PRO A 338 -7.00 14.34 6.48
CA PRO A 338 -8.26 14.65 5.86
C PRO A 338 -9.40 13.68 6.26
N VAL A 339 -9.11 12.37 6.40
CA VAL A 339 -10.21 11.48 6.77
C VAL A 339 -10.49 11.55 8.26
N VAL A 340 -9.62 12.14 8.99
CA VAL A 340 -9.86 12.35 10.41
C VAL A 340 -10.62 13.67 10.70
N ARG A 341 -10.13 14.78 10.18
CA ARG A 341 -10.72 16.09 10.48
C ARG A 341 -11.26 16.82 9.30
N GLY A 342 -11.10 16.26 8.09
CA GLY A 342 -11.65 16.94 6.92
C GLY A 342 -10.73 17.97 6.29
N ASP A 343 -9.44 17.96 6.62
CA ASP A 343 -8.51 18.90 5.92
C ASP A 343 -7.11 18.35 5.99
N TYR A 344 -6.19 18.84 5.11
CA TYR A 344 -4.79 18.48 5.17
C TYR A 344 -4.16 19.02 6.48
N PRO A 345 -2.98 18.49 6.84
CA PRO A 345 -2.26 18.99 8.01
C PRO A 345 -1.96 20.49 7.79
N PHE A 346 -1.98 21.27 8.88
CA PHE A 346 -1.68 22.64 8.81
C PHE A 346 -0.30 22.86 8.23
N SER A 347 0.69 22.09 8.64
CA SER A 347 2.08 22.32 8.11
C SER A 347 2.08 22.27 6.57
N MET A 348 1.33 21.36 5.99
CA MET A 348 1.26 21.26 4.53
C MET A 348 0.62 22.48 3.87
N ARG A 349 -0.52 22.91 4.41
CA ARG A 349 -1.15 24.15 3.84
C ARG A 349 -0.23 25.34 3.96
N SER A 350 0.53 25.45 5.06
CA SER A 350 1.32 26.60 5.21
C SER A 350 2.53 26.62 4.29
N LEU A 351 3.05 25.42 4.00
CA LEU A 351 4.26 25.31 3.12
C LEU A 351 3.90 25.25 1.64
N ILE A 352 2.74 24.73 1.32
CA ILE A 352 2.41 24.43 -0.03
C ILE A 352 1.42 25.49 -0.62
N GLY A 353 0.66 26.15 0.26
CA GLY A 353 -0.21 27.29 -0.16
C GLY A 353 -1.19 26.95 -1.34
N ASP A 354 -1.10 27.77 -2.41
CA ASP A 354 -1.97 27.65 -3.58
C ASP A 354 -1.78 26.34 -4.37
N ARG A 355 -0.70 25.63 -4.14
CA ARG A 355 -0.53 24.31 -4.87
C ARG A 355 -1.32 23.22 -4.23
N LEU A 356 -1.91 23.50 -3.03
CA LEU A 356 -2.67 22.47 -2.35
C LEU A 356 -4.15 22.88 -2.35
N PRO A 357 -4.99 22.21 -3.13
CA PRO A 357 -6.39 22.65 -3.33
C PRO A 357 -7.14 22.75 -2.00
N MET A 358 -8.12 23.65 -1.99
CA MET A 358 -8.97 23.85 -0.85
C MET A 358 -10.17 22.86 -0.85
N PHE A 359 -10.67 22.43 0.32
CA PHE A 359 -11.88 21.61 0.35
C PHE A 359 -13.09 22.54 0.59
N THR A 360 -14.27 22.18 0.05
CA THR A 360 -15.49 22.94 0.37
C THR A 360 -15.98 22.43 1.72
N LYS A 361 -16.87 23.19 2.40
CA LYS A 361 -17.36 22.80 3.70
C LYS A 361 -17.99 21.45 3.58
N GLU A 362 -18.76 21.23 2.52
CA GLU A 362 -19.48 19.96 2.40
C GLU A 362 -18.42 18.79 2.23
N GLU A 363 -17.34 19.06 1.47
CA GLU A 363 -16.27 18.08 1.28
C GLU A 363 -15.58 17.74 2.59
N GLN A 364 -15.32 18.77 3.40
CA GLN A 364 -14.69 18.56 4.74
C GLN A 364 -15.50 17.68 5.62
N GLU A 365 -16.80 17.93 5.60
CA GLU A 365 -17.70 17.20 6.41
C GLU A 365 -17.83 15.71 5.86
N LYS A 366 -17.83 15.54 4.55
CA LYS A 366 -17.94 14.20 3.97
C LYS A 366 -16.62 13.39 4.31
N LEU A 367 -15.46 14.07 4.34
CA LEU A 367 -14.18 13.46 4.62
C LEU A 367 -13.97 13.07 6.12
N ALA A 368 -14.29 13.99 7.06
CA ALA A 368 -14.12 13.76 8.45
C ALA A 368 -14.87 12.53 8.95
N SER A 369 -14.16 11.69 9.71
CA SER A 369 -14.72 10.42 10.15
C SER A 369 -15.23 9.47 9.00
N SER A 370 -14.61 9.56 7.81
CA SER A 370 -14.99 8.67 6.71
C SER A 370 -14.38 7.23 6.73
N CYS A 371 -13.51 6.90 7.65
CA CYS A 371 -12.96 5.56 7.69
C CYS A 371 -13.40 4.79 8.90
N ASP A 372 -13.93 3.59 8.74
CA ASP A 372 -14.29 2.74 9.88
C ASP A 372 -12.99 2.06 10.35
N ILE A 373 -12.08 1.82 9.39
CA ILE A 373 -10.81 1.10 9.71
C ILE A 373 -9.75 1.79 8.94
N MET A 374 -8.52 1.75 9.43
CA MET A 374 -7.42 2.31 8.72
C MET A 374 -6.30 1.23 8.53
N GLY A 375 -5.70 1.23 7.37
CA GLY A 375 -4.61 0.31 7.12
C GLY A 375 -3.33 1.07 7.12
N LEU A 376 -2.33 0.50 7.76
CA LEU A 376 -1.03 1.09 7.70
C LEU A 376 -0.12 0.06 6.97
N ASN A 377 0.59 0.54 5.94
CA ASN A 377 1.58 -0.31 5.18
C ASN A 377 2.96 0.19 5.67
N TYR A 378 3.57 -0.56 6.53
CA TYR A 378 4.79 -0.17 7.12
C TYR A 378 5.98 -1.11 6.73
N TYR A 379 7.11 -0.51 6.35
CA TYR A 379 8.29 -1.27 6.03
C TYR A 379 9.52 -0.83 6.76
N THR A 380 9.70 0.50 6.88
CA THR A 380 10.99 0.96 7.38
C THR A 380 10.81 2.38 8.05
N SER A 381 11.92 2.99 8.41
CA SER A 381 11.88 4.31 9.05
C SER A 381 13.06 5.10 8.49
N ARG A 382 13.06 6.41 8.77
CA ARG A 382 14.18 7.28 8.42
C ARG A 382 14.46 8.27 9.51
N PHE A 383 15.60 8.93 9.41
CA PHE A 383 15.88 10.01 10.29
C PHE A 383 15.30 11.24 9.54
N SER A 384 14.76 12.19 10.29
CA SER A 384 14.22 13.40 9.68
C SER A 384 15.16 14.58 10.04
N LYS A 385 15.71 15.25 9.03
CA LYS A 385 16.63 16.30 9.23
C LYS A 385 16.05 17.62 8.70
N HIS A 386 16.04 18.63 9.57
CA HIS A 386 15.50 19.92 9.27
C HIS A 386 16.20 20.61 8.08
N VAL A 387 15.37 21.19 7.19
CA VAL A 387 15.84 22.01 6.07
C VAL A 387 15.32 23.46 6.32
N ASP A 388 16.22 24.44 6.24
CA ASP A 388 15.82 25.87 6.45
C ASP A 388 15.06 26.45 5.30
N ILE A 389 14.06 27.24 5.62
CA ILE A 389 13.38 28.07 4.62
C ILE A 389 14.35 29.19 4.32
N SER A 390 14.73 29.36 3.07
CA SER A 390 15.59 30.49 2.72
C SER A 390 15.65 30.79 1.24
N SER A 391 16.11 32.00 0.90
CA SER A 391 16.31 32.42 -0.53
C SER A 391 17.16 31.53 -1.32
N ASP A 392 18.15 30.88 -0.72
CA ASP A 392 19.03 29.89 -1.39
C ASP A 392 18.30 28.63 -1.91
N TYR A 393 17.14 28.30 -1.35
CA TYR A 393 16.55 27.02 -1.63
C TYR A 393 15.13 27.19 -2.17
N THR A 394 14.82 26.43 -3.22
CA THR A 394 13.47 26.28 -3.70
C THR A 394 13.17 24.81 -3.93
N PRO A 395 11.95 24.34 -3.58
CA PRO A 395 11.53 22.98 -3.85
C PRO A 395 11.51 22.61 -5.36
N THR A 396 11.91 21.36 -5.69
CA THR A 396 11.77 20.89 -7.10
C THR A 396 10.79 19.72 -7.12
N LEU A 397 10.84 18.82 -6.16
CA LEU A 397 9.83 17.73 -6.06
C LEU A 397 8.85 18.00 -4.91
N ASN A 398 7.66 17.45 -4.99
CA ASN A 398 6.65 17.67 -3.99
C ASN A 398 7.09 17.29 -2.56
N THR A 399 7.95 16.26 -2.44
CA THR A 399 8.42 15.86 -1.16
C THR A 399 9.34 16.90 -0.53
N ASP A 400 9.91 17.78 -1.34
CA ASP A 400 10.73 18.88 -0.80
C ASP A 400 9.86 19.91 0.04
N ASP A 401 8.55 19.93 -0.17
CA ASP A 401 7.70 20.89 0.50
C ASP A 401 7.62 20.58 2.05
N ALA A 402 8.23 19.48 2.48
CA ALA A 402 8.23 19.19 3.95
C ALA A 402 9.32 19.82 4.61
N TYR A 403 10.32 20.32 3.84
CA TYR A 403 11.50 20.92 4.48
C TYR A 403 12.09 20.02 5.60
N ALA A 404 12.23 18.72 5.24
CA ALA A 404 12.82 17.74 6.15
C ALA A 404 13.36 16.64 5.26
N SER A 405 14.68 16.45 5.27
CA SER A 405 15.22 15.39 4.34
C SER A 405 15.16 14.03 5.11
N SER A 406 14.85 12.97 4.41
CA SER A 406 14.79 11.61 4.99
C SER A 406 16.16 11.01 4.85
N GLU A 407 16.86 10.81 5.97
CA GLU A 407 18.21 10.30 5.90
C GLU A 407 18.18 8.82 6.34
N THR A 408 19.09 8.00 5.80
CA THR A 408 19.17 6.63 6.21
C THR A 408 20.18 6.51 7.35
N THR A 409 21.02 7.53 7.49
CA THR A 409 21.96 7.51 8.65
C THR A 409 21.71 8.75 9.59
N GLY A 410 21.91 8.58 10.90
CA GLY A 410 21.70 9.63 11.84
C GLY A 410 22.92 10.45 12.11
N SER A 411 22.81 11.34 13.09
CA SER A 411 23.88 12.27 13.44
C SER A 411 25.19 11.61 13.80
N ASP A 412 25.12 10.39 14.39
CA ASP A 412 26.40 9.64 14.72
C ASP A 412 26.97 8.88 13.48
N GLY A 413 26.30 8.95 12.34
CA GLY A 413 26.83 8.32 11.14
C GLY A 413 26.32 6.90 11.01
N ASN A 414 25.62 6.38 12.03
CA ASN A 414 25.06 5.04 11.92
C ASN A 414 23.76 4.95 11.10
N GLU A 415 23.60 3.90 10.33
CA GLU A 415 22.33 3.63 9.67
C GLU A 415 21.23 3.38 10.71
N ILE A 416 19.98 3.63 10.35
CA ILE A 416 18.91 3.55 11.29
C ILE A 416 18.68 2.11 11.74
N GLY A 417 18.94 1.14 10.85
CA GLY A 417 18.78 -0.30 11.24
C GLY A 417 19.44 -1.14 10.11
N PRO A 418 19.43 -2.46 10.24
CA PRO A 418 20.09 -3.37 9.29
C PRO A 418 19.35 -3.35 7.97
N ILE A 419 20.09 -3.32 6.86
CA ILE A 419 19.42 -3.49 5.52
C ILE A 419 18.96 -4.95 5.38
N THR A 420 17.83 -5.15 4.72
CA THR A 420 17.17 -6.44 4.68
C THR A 420 17.19 -7.08 3.29
N GLY A 421 17.81 -6.41 2.29
CA GLY A 421 17.83 -6.93 0.93
C GLY A 421 17.71 -5.85 -0.11
N THR A 422 16.52 -5.31 -0.34
CA THR A 422 16.43 -4.20 -1.32
C THR A 422 16.98 -2.95 -0.57
N TYR A 423 17.47 -1.96 -1.32
CA TYR A 423 18.24 -0.83 -0.79
C TYR A 423 17.41 0.12 0.17
N TRP A 424 16.09 0.15 0.08
CA TRP A 424 15.34 1.05 0.86
C TRP A 424 14.71 0.48 2.18
N ILE A 425 14.73 -0.82 2.39
CA ILE A 425 14.07 -1.40 3.59
C ILE A 425 15.08 -1.70 4.69
N TYR A 426 15.23 -0.75 5.61
CA TYR A 426 16.16 -0.90 6.73
C TYR A 426 15.25 -1.33 7.94
N MET A 427 15.68 -2.35 8.68
CA MET A 427 14.84 -2.93 9.69
C MET A 427 14.82 -1.99 10.93
N TYR A 428 13.63 -1.50 11.25
CA TYR A 428 13.49 -0.61 12.47
C TYR A 428 12.12 -0.75 13.04
N PRO A 429 11.83 -1.92 13.68
CA PRO A 429 10.46 -2.16 14.22
C PRO A 429 9.97 -1.12 15.25
N LYS A 430 10.85 -0.48 16.01
CA LYS A 430 10.40 0.59 16.94
C LYS A 430 9.58 1.65 16.24
N GLY A 431 10.00 2.01 15.03
CA GLY A 431 9.31 2.99 14.23
C GLY A 431 7.85 2.72 14.05
N LEU A 432 7.45 1.47 13.92
CA LEU A 432 6.07 1.10 13.80
C LEU A 432 5.29 1.27 15.13
N THR A 433 5.88 0.80 16.21
CA THR A 433 5.22 0.94 17.52
C THR A 433 4.97 2.49 17.75
N ASP A 434 5.94 3.32 17.47
CA ASP A 434 5.77 4.78 17.63
C ASP A 434 4.60 5.33 16.81
N LEU A 435 4.51 4.93 15.54
CA LEU A 435 3.40 5.40 14.67
C LEU A 435 2.08 4.93 15.26
N LEU A 436 2.04 3.71 15.75
CA LEU A 436 0.78 3.17 16.29
C LEU A 436 0.37 3.98 17.59
N LEU A 437 1.35 4.42 18.36
CA LEU A 437 1.04 5.20 19.58
C LEU A 437 0.61 6.63 19.22
N ILE A 438 1.08 7.15 18.06
CA ILE A 438 0.60 8.45 17.59
C ILE A 438 -0.85 8.32 17.14
N MET A 439 -1.20 7.21 16.51
CA MET A 439 -2.58 6.98 16.14
C MET A 439 -3.46 6.95 17.42
N LYS A 440 -2.96 6.28 18.44
CA LYS A 440 -3.74 6.15 19.65
C LYS A 440 -3.92 7.54 20.39
N GLU A 441 -2.82 8.20 20.64
CA GLU A 441 -2.80 9.43 21.44
C GLU A 441 -3.20 10.67 20.72
N LYS A 442 -2.96 10.76 19.42
CA LYS A 442 -3.25 11.97 18.70
C LYS A 442 -4.52 11.92 17.89
N TYR A 443 -4.78 10.80 17.21
CA TYR A 443 -5.87 10.71 16.33
C TYR A 443 -7.05 9.88 16.79
N GLY A 444 -7.13 9.61 18.09
CA GLY A 444 -8.38 8.95 18.62
C GLY A 444 -8.40 7.49 18.66
N ASN A 445 -7.22 6.87 18.42
CA ASN A 445 -7.09 5.39 18.48
C ASN A 445 -8.10 4.69 17.63
N PRO A 446 -8.24 5.06 16.37
CA PRO A 446 -9.15 4.33 15.47
C PRO A 446 -8.64 2.84 15.21
N PRO A 447 -9.56 1.96 14.78
CA PRO A 447 -9.16 0.55 14.53
C PRO A 447 -8.10 0.51 13.40
N ILE A 448 -6.95 -0.07 13.75
CA ILE A 448 -5.81 -0.15 12.79
C ILE A 448 -5.50 -1.62 12.36
N PHE A 449 -5.38 -1.80 11.04
CA PHE A 449 -4.85 -3.06 10.47
C PHE A 449 -3.52 -2.78 9.85
N ILE A 450 -2.51 -3.60 10.11
CA ILE A 450 -1.21 -3.46 9.40
C ILE A 450 -1.45 -4.17 8.09
N THR A 451 -1.83 -3.43 7.06
CA THR A 451 -2.24 -3.98 5.82
C THR A 451 -1.08 -4.44 4.88
N GLU A 452 0.14 -4.04 5.22
CA GLU A 452 1.34 -4.50 4.52
C GLU A 452 2.50 -4.40 5.45
N ASN A 453 3.37 -5.37 5.41
CA ASN A 453 4.63 -5.33 6.21
C ASN A 453 5.43 -6.52 5.64
N GLY A 454 6.71 -6.31 5.40
CA GLY A 454 7.50 -7.41 4.77
C GLY A 454 8.81 -6.90 4.22
N ILE A 455 9.58 -7.78 3.62
CA ILE A 455 10.89 -7.38 3.04
C ILE A 455 11.04 -8.14 1.67
N ALA A 456 11.97 -7.67 0.89
CA ALA A 456 12.26 -8.29 -0.35
C ALA A 456 13.56 -9.06 -0.25
N ASP A 457 13.63 -10.15 -0.99
CA ASP A 457 14.90 -10.81 -1.27
C ASP A 457 15.22 -10.35 -2.68
N VAL A 458 16.47 -9.95 -2.91
CA VAL A 458 16.80 -9.39 -4.27
C VAL A 458 17.52 -10.52 -5.08
N GLU A 459 17.05 -10.72 -6.28
CA GLU A 459 17.64 -11.68 -7.25
C GLU A 459 19.17 -11.39 -7.40
N GLY A 460 19.98 -12.43 -7.27
CA GLY A 460 21.43 -12.27 -7.43
C GLY A 460 22.17 -11.92 -6.16
N ASP A 461 21.46 -11.55 -5.08
CA ASP A 461 22.11 -11.25 -3.81
C ASP A 461 22.80 -12.53 -3.36
N PRO A 462 24.14 -12.52 -3.22
CA PRO A 462 24.92 -13.72 -2.78
C PRO A 462 24.60 -14.15 -1.32
N GLU A 463 24.09 -13.26 -0.49
CA GLU A 463 23.67 -13.69 0.84
C GLU A 463 22.27 -14.30 0.87
N MET A 464 21.59 -14.36 -0.28
CA MET A 464 20.31 -15.01 -0.37
C MET A 464 20.31 -15.89 -1.60
N PRO A 465 21.12 -16.93 -1.61
CA PRO A 465 21.22 -17.92 -2.75
C PRO A 465 20.12 -18.92 -2.80
N ASP A 466 19.44 -19.19 -1.69
CA ASP A 466 18.30 -20.15 -1.75
C ASP A 466 17.03 -19.33 -1.43
N PRO A 467 16.19 -19.11 -2.44
CA PRO A 467 15.01 -18.30 -2.33
C PRO A 467 13.99 -18.80 -1.33
N LEU A 468 14.09 -20.07 -0.89
CA LEU A 468 13.12 -20.61 0.08
C LEU A 468 13.64 -20.45 1.53
N ASP A 469 14.95 -20.19 1.68
CA ASP A 469 15.52 -20.12 2.98
C ASP A 469 15.49 -18.62 3.46
N ASP A 470 14.28 -18.08 3.62
CA ASP A 470 14.13 -16.67 3.89
C ASP A 470 14.08 -16.43 5.44
N TRP A 471 15.12 -16.87 6.16
CA TRP A 471 15.17 -16.66 7.57
C TRP A 471 15.21 -15.16 7.93
N LYS A 472 15.80 -14.34 7.04
CA LYS A 472 15.85 -12.92 7.26
C LYS A 472 14.43 -12.30 7.26
N ARG A 473 13.62 -12.65 6.28
CA ARG A 473 12.30 -12.20 6.20
C ARG A 473 11.50 -12.71 7.47
N LEU A 474 11.71 -13.97 7.83
CA LEU A 474 11.02 -14.55 9.00
C LEU A 474 11.38 -13.71 10.28
N ASP A 475 12.66 -13.42 10.47
CA ASP A 475 13.08 -12.70 11.63
C ASP A 475 12.46 -11.27 11.65
N TYR A 476 12.45 -10.65 10.50
CA TYR A 476 11.88 -9.32 10.35
C TYR A 476 10.44 -9.37 10.73
N LEU A 477 9.71 -10.28 10.15
CA LEU A 477 8.23 -10.32 10.37
C LEU A 477 7.96 -10.62 11.88
N GLN A 478 8.75 -11.52 12.47
CA GLN A 478 8.57 -11.84 13.90
C GLN A 478 8.79 -10.58 14.74
N ARG A 479 9.80 -9.78 14.40
CA ARG A 479 10.09 -8.60 15.19
C ARG A 479 8.97 -7.57 15.04
N HIS A 480 8.36 -7.49 13.86
CA HIS A 480 7.35 -6.52 13.66
C HIS A 480 6.03 -6.94 14.33
N ILE A 481 5.76 -8.23 14.29
CA ILE A 481 4.59 -8.77 14.98
C ILE A 481 4.77 -8.46 16.48
N SER A 482 6.00 -8.58 16.99
CA SER A 482 6.28 -8.34 18.35
C SER A 482 6.12 -6.85 18.66
N ALA A 483 6.43 -5.99 17.68
CA ALA A 483 6.28 -4.56 17.86
C ALA A 483 4.77 -4.20 17.88
N VAL A 484 3.94 -4.90 17.07
CA VAL A 484 2.50 -4.69 17.13
C VAL A 484 1.98 -5.11 18.56
N LYS A 485 2.53 -6.21 19.10
CA LYS A 485 2.12 -6.65 20.42
C LYS A 485 2.48 -5.55 21.48
N ASP A 486 3.65 -4.93 21.33
CA ASP A 486 4.06 -3.86 22.22
C ASP A 486 3.00 -2.73 22.15
N ALA A 487 2.59 -2.37 20.94
CA ALA A 487 1.67 -1.28 20.79
C ALA A 487 0.33 -1.67 21.44
N ILE A 488 -0.12 -2.88 21.17
CA ILE A 488 -1.33 -3.33 21.77
C ILE A 488 -1.24 -3.28 23.31
N ASP A 489 -0.11 -3.72 23.88
CA ASP A 489 0.01 -3.76 25.32
C ASP A 489 -0.10 -2.29 25.86
N GLN A 490 0.23 -1.29 25.03
CA GLN A 490 0.17 0.05 25.47
C GLN A 490 -1.19 0.71 25.11
N GLY A 491 -2.18 -0.06 24.71
CA GLY A 491 -3.50 0.49 24.43
C GLY A 491 -3.81 0.78 22.93
N ALA A 492 -2.87 0.58 22.02
CA ALA A 492 -3.18 0.82 20.59
C ALA A 492 -4.19 -0.19 20.10
N ASP A 493 -5.17 0.27 19.38
CA ASP A 493 -6.26 -0.57 18.90
C ASP A 493 -5.85 -1.19 17.48
N VAL A 494 -4.96 -2.19 17.51
CA VAL A 494 -4.48 -2.87 16.30
C VAL A 494 -5.24 -4.17 16.14
N ARG A 495 -5.94 -4.36 15.03
CA ARG A 495 -6.82 -5.48 14.85
C ARG A 495 -6.25 -6.58 13.95
N GLY A 496 -5.13 -6.33 13.27
CA GLY A 496 -4.61 -7.42 12.38
C GLY A 496 -3.29 -7.10 11.76
N HIS A 497 -2.64 -8.14 11.19
CA HIS A 497 -1.36 -8.00 10.62
C HIS A 497 -1.31 -8.78 9.34
N PHE A 498 -1.19 -8.04 8.20
CA PHE A 498 -1.18 -8.72 6.88
C PHE A 498 0.19 -8.58 6.27
N THR A 499 0.87 -9.69 6.04
CA THR A 499 2.20 -9.66 5.49
C THR A 499 2.21 -9.26 4.01
N TRP A 500 3.07 -8.34 3.62
CA TRP A 500 3.05 -8.03 2.20
C TRP A 500 4.01 -9.01 1.59
N GLY A 501 3.43 -9.77 0.66
CA GLY A 501 4.02 -10.73 0.11
C GLY A 501 3.25 -12.04 0.39
N LEU A 502 1.99 -12.21 -0.01
CA LEU A 502 1.44 -13.62 0.01
C LEU A 502 2.38 -14.50 -0.90
N ILE A 503 2.63 -13.96 -2.10
CA ILE A 503 3.50 -14.59 -3.12
C ILE A 503 4.38 -13.63 -3.77
N ASP A 504 5.54 -14.07 -4.24
CA ASP A 504 6.42 -13.18 -5.04
C ASP A 504 5.58 -12.61 -6.18
N ASN A 505 5.81 -11.35 -6.55
CA ASN A 505 5.02 -10.73 -7.53
C ASN A 505 5.78 -9.61 -8.29
N PHE A 506 5.07 -8.90 -9.16
CA PHE A 506 5.72 -7.89 -10.00
C PHE A 506 5.92 -6.60 -9.02
N GLU A 507 7.14 -6.31 -8.62
CA GLU A 507 7.40 -5.24 -7.60
C GLU A 507 7.65 -3.91 -8.39
N TRP A 508 6.62 -3.49 -9.10
CA TRP A 508 6.65 -2.25 -9.91
C TRP A 508 7.96 -2.00 -10.64
N GLY A 509 8.59 -0.88 -10.36
CA GLY A 509 9.85 -0.52 -11.01
C GLY A 509 10.98 -1.53 -10.87
N SER A 510 10.85 -2.52 -9.97
CA SER A 510 11.94 -3.45 -9.77
C SER A 510 11.59 -4.80 -10.44
N GLY A 511 10.44 -4.86 -11.10
CA GLY A 511 10.00 -6.08 -11.71
C GLY A 511 10.07 -7.24 -10.71
N TYR A 512 10.37 -8.47 -11.19
CA TYR A 512 10.33 -9.62 -10.28
C TYR A 512 11.62 -9.76 -9.53
N SER A 513 12.63 -8.95 -9.84
CA SER A 513 13.91 -9.08 -9.18
C SER A 513 13.82 -8.89 -7.62
N SER A 514 12.77 -8.22 -7.14
CA SER A 514 12.53 -8.13 -5.71
C SER A 514 11.42 -9.06 -5.29
N ARG A 515 11.77 -10.09 -4.53
CA ARG A 515 10.72 -11.05 -4.11
C ARG A 515 10.26 -10.71 -2.65
N PHE A 516 8.99 -10.39 -2.53
CA PHE A 516 8.38 -10.07 -1.22
C PHE A 516 7.51 -11.19 -0.64
N GLY A 517 7.39 -12.33 -1.34
CA GLY A 517 6.51 -13.39 -0.87
C GLY A 517 6.90 -14.23 0.36
N LEU A 518 5.88 -14.68 1.09
CA LEU A 518 6.03 -15.73 2.08
C LEU A 518 6.10 -17.09 1.21
N VAL A 519 5.47 -17.05 0.03
CA VAL A 519 5.33 -18.19 -0.82
C VAL A 519 6.10 -17.89 -2.19
N TYR A 520 7.06 -18.74 -2.50
CA TYR A 520 7.85 -18.59 -3.66
C TYR A 520 7.06 -18.87 -4.90
N ILE A 521 7.36 -18.12 -5.97
CA ILE A 521 6.67 -18.39 -7.27
C ILE A 521 7.82 -18.91 -8.18
N ASP A 522 7.79 -20.17 -8.57
CA ASP A 522 8.92 -20.72 -9.33
C ASP A 522 8.70 -20.45 -10.81
N LYS A 523 9.32 -19.41 -11.31
CA LYS A 523 9.16 -19.02 -12.74
C LYS A 523 9.74 -20.15 -13.66
N GLU A 524 10.74 -20.86 -13.17
CA GLU A 524 11.29 -22.00 -13.97
C GLU A 524 10.43 -23.26 -13.84
N ASP A 525 9.43 -23.32 -12.93
CA ASP A 525 8.60 -24.47 -12.80
C ASP A 525 7.15 -24.07 -12.90
N GLY A 526 6.80 -23.45 -14.02
CA GLY A 526 5.43 -23.18 -14.29
C GLY A 526 4.72 -22.24 -13.35
N ASN A 527 5.48 -21.32 -12.72
CA ASN A 527 4.81 -20.41 -11.74
C ASN A 527 4.23 -21.19 -10.53
N LYS A 528 4.81 -22.35 -10.23
CA LYS A 528 4.34 -23.14 -9.08
C LYS A 528 4.56 -22.37 -7.70
N ARG A 529 3.59 -22.55 -6.79
CA ARG A 529 3.65 -21.94 -5.47
C ARG A 529 4.46 -22.87 -4.55
N LYS A 530 5.50 -22.38 -3.93
CA LYS A 530 6.27 -23.22 -3.02
C LYS A 530 6.50 -22.46 -1.72
N LEU A 531 6.08 -23.06 -0.63
CA LEU A 531 6.19 -22.44 0.68
C LEU A 531 7.63 -22.16 1.10
N LYS A 532 7.94 -20.93 1.47
CA LYS A 532 9.27 -20.64 1.98
C LYS A 532 9.37 -20.99 3.46
N LYS A 533 10.56 -20.87 4.04
CA LYS A 533 10.73 -21.04 5.46
C LYS A 533 9.74 -20.16 6.33
N SER A 534 9.60 -18.89 5.96
CA SER A 534 8.69 -18.01 6.72
C SER A 534 7.26 -18.56 6.68
N ALA A 535 6.77 -18.93 5.49
CA ALA A 535 5.46 -19.49 5.31
C ALA A 535 5.26 -20.75 6.25
N LYS A 536 6.27 -21.59 6.30
CA LYS A 536 6.21 -22.83 7.11
C LYS A 536 6.11 -22.47 8.62
N TRP A 537 6.79 -21.41 9.02
CA TRP A 537 6.69 -20.88 10.43
C TRP A 537 5.29 -20.37 10.74
N PHE A 538 4.67 -19.69 9.79
CA PHE A 538 3.27 -19.27 9.99
C PHE A 538 2.34 -20.45 10.14
N ALA A 539 2.64 -21.54 9.41
CA ALA A 539 1.77 -22.75 9.54
C ALA A 539 1.82 -23.22 10.98
N LYS A 540 2.99 -23.24 11.60
CA LYS A 540 3.07 -23.66 12.99
C LYS A 540 2.47 -22.58 13.92
N PHE A 541 2.81 -21.33 13.68
CA PHE A 541 2.29 -20.24 14.43
C PHE A 541 0.74 -20.27 14.45
N ASN A 542 0.12 -20.55 13.31
CA ASN A 542 -1.35 -20.61 13.22
C ASN A 542 -1.89 -22.02 13.59
N SER A 543 -1.04 -22.89 14.12
CA SER A 543 -1.41 -24.28 14.63
C SER A 543 -2.01 -25.13 13.57
N VAL A 544 -1.52 -25.06 12.33
CA VAL A 544 -2.16 -25.81 11.16
C VAL A 544 -1.83 -27.34 11.28
S SO4 B . 23.65 14.82 18.44
O1 SO4 B . 24.80 14.90 17.52
O2 SO4 B . 24.11 14.41 19.80
O3 SO4 B . 22.98 16.20 18.58
O4 SO4 B . 22.61 13.89 17.96
C1 GOL C . 5.17 -3.48 -2.21
O1 GOL C . 4.50 -3.36 -3.45
C2 GOL C . 5.87 -2.22 -1.86
O2 GOL C . 7.21 -1.95 -2.09
C3 GOL C . 5.05 -1.23 -1.16
O3 GOL C . 3.67 -1.26 -0.92
#